data_6FHF
#
_entry.id   6FHF
#
_cell.length_a   128.969
_cell.length_b   128.969
_cell.length_c   51.710
_cell.angle_alpha   90.00
_cell.angle_beta   90.00
_cell.angle_gamma   120.00
#
_symmetry.space_group_name_H-M   'H 3'
#
loop_
_entity.id
_entity.type
_entity.pdbx_description
1 polymer Design
2 non-polymer 'SODIUM ION'
3 water water
#
_entity_poly.entity_id   1
_entity_poly.type   'polypeptide(L)'
_entity_poly.pdbx_seq_one_letter_code
;TIGSEFKPHISALNAPSLAQRYKDYFYIGAAVEPYQTTKEKDAKMLQRHFNMIVAENAMKPAALEPTEGNFQWADADRIV
QFAKENGMELRFHTLVWHNQTPDWFFLDREGKPMVEETDPQKREENRELLLQRLENHIRAVVLRYKDDIKNWDVVNEVVE
PNDPGGMRNSPWYQITGTEYIEVAFRAAREAGGEDIKLYMNDYNTEQEPKREYIYRLIKKLLEKGVPIDGVGHQAHVTID
RPPVDEIKKTIQRFADLGLDNQITELDVSLYGWPPRPAYPTYDAIPEERFQAQADRYRQLFELFEELKDHISAVTFWGIA
DNHTWLDDRAREYNDGVGKDAPFVFDPNYRVKPAYWAIINHK
;
_entity_poly.pdbx_strand_id   A
#
# COMPACT_ATOMS: atom_id res chain seq x y z
N GLY A 3 10.11 11.32 27.59
CA GLY A 3 10.80 11.93 26.47
C GLY A 3 12.24 11.46 26.35
N SER A 4 12.63 11.04 25.15
CA SER A 4 13.97 10.49 24.94
C SER A 4 14.71 11.05 23.72
N GLU A 5 14.03 11.71 22.78
CA GLU A 5 14.65 12.18 21.54
C GLU A 5 14.66 13.69 21.55
N PHE A 6 15.85 14.28 21.75
CA PHE A 6 15.95 15.72 21.94
C PHE A 6 16.90 16.38 20.95
N LYS A 7 17.23 15.70 19.86
CA LYS A 7 17.94 16.35 18.77
C LYS A 7 17.06 17.43 18.14
N PRO A 8 17.66 18.43 17.50
CA PRO A 8 16.88 19.60 17.07
C PRO A 8 15.90 19.27 15.96
N HIS A 9 14.87 20.11 15.85
CA HIS A 9 13.85 19.92 14.82
C HIS A 9 14.26 20.69 13.56
N ILE A 10 15.33 20.19 12.94
CA ILE A 10 15.89 20.87 11.78
C ILE A 10 14.95 20.71 10.59
N SER A 11 15.22 21.52 9.55
CA SER A 11 14.53 21.32 8.29
C SER A 11 14.84 19.93 7.77
N ALA A 12 13.82 19.25 7.24
CA ALA A 12 14.03 17.93 6.65
C ALA A 12 14.59 18.01 5.24
N LEU A 13 14.47 19.18 4.59
CA LEU A 13 14.83 19.29 3.19
C LEU A 13 16.27 18.90 2.93
N ASN A 14 17.16 19.21 3.88
CA ASN A 14 18.57 18.86 3.73
C ASN A 14 19.09 18.00 4.89
N ALA A 15 18.19 17.46 5.73
CA ALA A 15 18.61 16.55 6.79
C ALA A 15 19.14 15.24 6.21
N PRO A 16 19.99 14.52 6.94
CA PRO A 16 20.61 13.31 6.37
C PRO A 16 19.55 12.35 5.84
N SER A 17 19.88 11.69 4.74
CA SER A 17 18.88 10.97 3.95
C SER A 17 18.41 9.70 4.66
N LEU A 18 17.09 9.56 4.78
CA LEU A 18 16.50 8.33 5.32
C LEU A 18 16.82 7.14 4.43
N ALA A 19 16.66 7.29 3.11
CA ALA A 19 16.96 6.18 2.21
C ALA A 19 18.43 5.78 2.31
N GLN A 20 19.32 6.77 2.43
CA GLN A 20 20.73 6.47 2.65
C GLN A 20 20.92 5.60 3.89
N ARG A 21 20.27 5.95 4.99
CA ARG A 21 20.42 5.20 6.23
C ARG A 21 20.06 3.73 6.05
N TYR A 22 19.10 3.44 5.18
CA TYR A 22 18.60 2.07 5.04
C TYR A 22 19.09 1.40 3.74
N LYS A 23 20.16 1.95 3.17
CA LYS A 23 20.65 1.52 1.86
C LYS A 23 20.85 0.02 1.75
N ASP A 24 21.41 -0.61 2.78
CA ASP A 24 21.69 -2.04 2.71
C ASP A 24 20.68 -2.86 3.47
N TYR A 25 19.49 -2.31 3.71
CA TYR A 25 18.40 -3.01 4.38
C TYR A 25 17.19 -3.16 3.48
N PHE A 26 16.64 -2.06 2.99
CA PHE A 26 15.44 -2.05 2.16
C PHE A 26 15.29 -0.67 1.57
N TYR A 27 14.56 -0.60 0.46
CA TYR A 27 14.16 0.69 -0.09
C TYR A 27 13.28 1.43 0.91
N ILE A 28 13.32 2.75 0.81
CA ILE A 28 12.48 3.64 1.61
C ILE A 28 11.63 4.42 0.62
N GLY A 29 10.32 4.23 0.70
CA GLY A 29 9.40 4.78 -0.27
C GLY A 29 8.37 5.71 0.34
N ALA A 30 7.70 6.46 -0.53
CA ALA A 30 6.60 7.34 -0.17
C ALA A 30 5.51 7.27 -1.22
N ALA A 31 4.26 7.27 -0.76
CA ALA A 31 3.11 7.48 -1.64
C ALA A 31 2.96 8.95 -1.99
N VAL A 32 2.70 9.22 -3.27
CA VAL A 32 2.62 10.58 -3.76
C VAL A 32 1.39 10.76 -4.66
N GLU A 33 0.97 12.01 -4.76
CA GLU A 33 0.03 12.51 -5.76
C GLU A 33 0.79 13.26 -6.84
N PRO A 34 0.24 13.31 -8.06
CA PRO A 34 0.98 13.93 -9.17
C PRO A 34 1.42 15.35 -8.90
N TYR A 35 0.60 16.15 -8.22
CA TYR A 35 0.95 17.54 -7.96
C TYR A 35 2.20 17.66 -7.11
N GLN A 36 2.46 16.65 -6.26
CA GLN A 36 3.63 16.69 -5.40
C GLN A 36 4.93 16.50 -6.17
N THR A 37 4.88 15.94 -7.38
CA THR A 37 6.12 15.85 -8.16
C THR A 37 6.59 17.21 -8.65
N THR A 38 5.75 18.24 -8.62
CA THR A 38 6.14 19.58 -9.01
C THR A 38 5.99 20.60 -7.89
N LYS A 39 5.60 20.19 -6.69
CA LYS A 39 5.67 21.08 -5.54
C LYS A 39 7.11 21.12 -5.05
N GLU A 40 7.66 22.33 -4.93
CA GLU A 40 9.08 22.48 -4.63
C GLU A 40 9.51 21.67 -3.41
N LYS A 41 8.76 21.80 -2.30
CA LYS A 41 9.22 21.15 -1.08
C LYS A 41 9.00 19.64 -1.12
N ASP A 42 7.86 19.21 -1.66
CA ASP A 42 7.63 17.77 -1.78
C ASP A 42 8.63 17.12 -2.72
N ALA A 43 8.87 17.74 -3.88
CA ALA A 43 9.86 17.18 -4.81
C ALA A 43 11.23 17.09 -4.17
N LYS A 44 11.66 18.14 -3.46
CA LYS A 44 12.93 18.10 -2.77
C LYS A 44 12.95 17.00 -1.70
N MET A 45 11.84 16.83 -0.97
CA MET A 45 11.79 15.79 0.05
C MET A 45 11.99 14.40 -0.55
N LEU A 46 11.35 14.15 -1.70
CA LEU A 46 11.50 12.86 -2.36
C LEU A 46 12.94 12.63 -2.79
N GLN A 47 13.55 13.63 -3.44
CA GLN A 47 14.93 13.51 -3.88
C GLN A 47 15.88 13.35 -2.70
N ARG A 48 15.58 13.98 -1.56
CA ARG A 48 16.48 13.87 -0.42
C ARG A 48 16.37 12.52 0.28
N HIS A 49 15.14 12.05 0.54
CA HIS A 49 14.93 11.00 1.54
C HIS A 49 14.44 9.67 0.99
N PHE A 50 13.94 9.62 -0.24
CA PHE A 50 13.23 8.43 -0.72
C PHE A 50 13.84 7.92 -2.00
N ASN A 51 14.01 6.59 -2.10
CA ASN A 51 14.49 6.00 -3.34
C ASN A 51 13.43 5.05 -3.94
N MET A 52 12.18 5.20 -3.50
CA MET A 52 11.06 4.46 -4.06
C MET A 52 9.81 5.32 -3.97
N ILE A 53 8.94 5.21 -4.98
CA ILE A 53 7.74 6.02 -5.10
C ILE A 53 6.57 5.10 -5.43
N VAL A 54 5.39 5.40 -4.88
CA VAL A 54 4.15 4.75 -5.26
C VAL A 54 3.08 5.83 -5.43
N ALA A 55 2.14 5.60 -6.35
CA ALA A 55 1.01 6.52 -6.55
C ALA A 55 -0.06 6.27 -5.51
N GLU A 56 -0.32 7.27 -4.66
CA GLU A 56 -1.34 7.09 -3.63
C GLU A 56 -2.70 6.79 -4.24
N ASN A 57 -3.01 7.41 -5.38
CA ASN A 57 -4.33 7.29 -6.00
C ASN A 57 -4.31 7.16 -7.52
N ALA A 58 -3.28 7.64 -8.21
CA ALA A 58 -3.31 7.81 -9.66
C ALA A 58 -3.28 6.50 -10.43
N MET A 59 -3.04 5.35 -9.80
CA MET A 59 -2.95 4.11 -10.55
C MET A 59 -3.99 3.09 -10.10
N LYS A 60 -4.97 3.50 -9.29
CA LYS A 60 -6.06 2.62 -8.91
C LYS A 60 -6.90 2.31 -10.14
N PRO A 61 -7.68 1.23 -10.12
CA PRO A 61 -8.40 0.83 -11.35
C PRO A 61 -9.29 1.93 -11.92
N ALA A 62 -10.07 2.62 -11.08
CA ALA A 62 -10.95 3.65 -11.59
C ALA A 62 -10.18 4.86 -12.13
N ALA A 63 -8.97 5.11 -11.63
CA ALA A 63 -8.19 6.23 -12.15
C ALA A 63 -7.67 5.95 -13.56
N LEU A 64 -7.29 4.69 -13.83
CA LEU A 64 -6.61 4.34 -15.07
C LEU A 64 -7.58 3.89 -16.17
N GLU A 65 -8.72 3.32 -15.83
CA GLU A 65 -9.66 2.80 -16.84
C GLU A 65 -11.08 3.07 -16.37
N PRO A 66 -11.48 4.34 -16.32
CA PRO A 66 -12.78 4.68 -15.72
C PRO A 66 -13.99 4.17 -16.50
N THR A 67 -13.87 4.02 -17.81
CA THR A 67 -14.86 3.30 -18.61
C THR A 67 -14.10 2.32 -19.48
N GLU A 68 -14.78 1.30 -20.00
CA GLU A 68 -14.06 0.18 -20.60
C GLU A 68 -13.21 0.65 -21.79
N GLY A 69 -11.90 0.36 -21.72
CA GLY A 69 -11.01 0.64 -22.83
C GLY A 69 -10.57 2.09 -22.93
N ASN A 70 -10.96 2.92 -21.97
CA ASN A 70 -10.68 4.35 -21.99
C ASN A 70 -9.59 4.58 -20.95
N PHE A 71 -8.34 4.36 -21.36
CA PHE A 71 -7.23 4.43 -20.42
C PHE A 71 -6.77 5.87 -20.25
N GLN A 72 -6.52 6.24 -18.99
CA GLN A 72 -6.15 7.61 -18.63
C GLN A 72 -4.75 7.56 -18.02
N TRP A 73 -3.75 7.95 -18.80
CA TRP A 73 -2.35 7.74 -18.44
C TRP A 73 -1.65 8.96 -17.88
N ALA A 74 -2.24 10.16 -17.97
CA ALA A 74 -1.45 11.38 -17.76
C ALA A 74 -0.90 11.46 -16.34
N ASP A 75 -1.77 11.32 -15.34
CA ASP A 75 -1.31 11.42 -13.95
C ASP A 75 -0.32 10.32 -13.61
N ALA A 76 -0.59 9.10 -14.07
CA ALA A 76 0.32 7.99 -13.77
C ALA A 76 1.67 8.21 -14.44
N ASP A 77 1.66 8.61 -15.72
CA ASP A 77 2.90 8.91 -16.42
C ASP A 77 3.74 9.94 -15.67
N ARG A 78 3.09 10.97 -15.13
CA ARG A 78 3.80 12.02 -14.41
C ARG A 78 4.60 11.45 -13.24
N ILE A 79 3.99 10.54 -12.47
CA ILE A 79 4.67 9.96 -11.31
C ILE A 79 5.81 9.05 -11.77
N VAL A 80 5.58 8.27 -12.82
CA VAL A 80 6.62 7.39 -13.33
C VAL A 80 7.80 8.19 -13.87
N GLN A 81 7.52 9.31 -14.55
CA GLN A 81 8.62 10.11 -15.10
C GLN A 81 9.43 10.78 -13.99
N PHE A 82 8.78 11.26 -12.93
CA PHE A 82 9.52 11.80 -11.80
C PHE A 82 10.44 10.76 -11.18
N ALA A 83 9.95 9.53 -10.98
CA ALA A 83 10.81 8.48 -10.45
C ALA A 83 11.98 8.19 -11.39
N LYS A 84 11.72 8.10 -12.69
CA LYS A 84 12.80 7.82 -13.63
C LYS A 84 13.85 8.92 -13.62
N GLU A 85 13.42 10.17 -13.58
CA GLU A 85 14.37 11.29 -13.58
C GLU A 85 15.30 11.23 -12.38
N ASN A 86 14.84 10.68 -11.27
CA ASN A 86 15.56 10.73 -10.01
C ASN A 86 16.06 9.35 -9.58
N GLY A 87 16.06 8.38 -10.49
CA GLY A 87 16.53 7.04 -10.20
C GLY A 87 15.80 6.30 -9.10
N MET A 88 14.51 6.57 -8.91
CA MET A 88 13.74 5.91 -7.86
C MET A 88 13.04 4.67 -8.38
N GLU A 89 12.96 3.63 -7.54
CA GLU A 89 12.13 2.48 -7.86
C GLU A 89 10.66 2.85 -7.71
N LEU A 90 9.79 2.01 -8.24
CA LEU A 90 8.36 2.25 -8.24
C LEU A 90 7.61 1.00 -7.77
N ARG A 91 6.49 1.25 -7.11
CA ARG A 91 5.48 0.24 -6.81
C ARG A 91 4.20 0.62 -7.55
N PHE A 92 3.43 -0.39 -7.95
CA PHE A 92 2.15 -0.14 -8.61
C PHE A 92 1.02 -0.47 -7.65
N HIS A 93 0.20 0.53 -7.36
CA HIS A 93 -0.97 0.42 -6.50
C HIS A 93 -2.16 0.87 -7.36
N THR A 94 -3.02 -0.05 -7.81
CA THR A 94 -2.98 -1.51 -7.59
C THR A 94 -3.79 -2.08 -8.75
N LEU A 95 -3.55 -3.33 -9.16
CA LEU A 95 -4.25 -3.78 -10.36
C LEU A 95 -5.70 -4.18 -10.07
N VAL A 96 -6.00 -4.70 -8.87
CA VAL A 96 -7.33 -5.19 -8.51
C VAL A 96 -7.66 -4.75 -7.08
N TRP A 97 -8.85 -4.20 -6.89
CA TRP A 97 -9.28 -3.77 -5.56
C TRP A 97 -10.80 -3.65 -5.58
N HIS A 98 -11.44 -4.07 -4.49
CA HIS A 98 -12.90 -3.97 -4.45
C HIS A 98 -13.36 -2.51 -4.36
N ASN A 99 -12.54 -1.65 -3.78
CA ASN A 99 -12.78 -0.21 -3.80
C ASN A 99 -12.14 0.38 -5.05
N GLN A 100 -12.58 1.59 -5.41
CA GLN A 100 -11.91 2.35 -6.46
C GLN A 100 -11.93 1.59 -7.78
N THR A 101 -13.02 0.87 -8.03
CA THR A 101 -13.14 0.02 -9.21
C THR A 101 -14.44 0.37 -9.93
N PRO A 102 -14.38 0.75 -11.19
CA PRO A 102 -15.59 1.26 -11.85
C PRO A 102 -16.56 0.14 -12.14
N ASP A 103 -17.85 0.48 -12.07
CA ASP A 103 -18.85 -0.57 -12.11
C ASP A 103 -18.98 -1.27 -13.46
N TRP A 104 -18.42 -0.72 -14.53
CA TRP A 104 -18.56 -1.37 -15.85
C TRP A 104 -17.99 -2.78 -15.88
N PHE A 105 -17.01 -3.06 -15.02
CA PHE A 105 -16.45 -4.40 -14.92
C PHE A 105 -17.54 -5.43 -14.67
N PHE A 106 -18.52 -5.08 -13.82
CA PHE A 106 -19.44 -6.06 -13.25
C PHE A 106 -20.81 -6.03 -13.91
N LEU A 107 -20.94 -5.44 -15.10
CA LEU A 107 -22.21 -5.46 -15.84
C LEU A 107 -22.13 -6.50 -16.95
N ASP A 108 -23.19 -7.29 -17.11
CA ASP A 108 -23.23 -8.22 -18.22
C ASP A 108 -23.42 -7.44 -19.53
N ARG A 109 -23.32 -8.14 -20.66
CA ARG A 109 -23.36 -7.47 -21.97
C ARG A 109 -24.69 -6.77 -22.20
N GLU A 110 -25.64 -7.08 -21.33
CA GLU A 110 -26.99 -6.58 -21.29
C GLU A 110 -27.12 -5.30 -20.39
N GLY A 111 -26.05 -4.90 -19.71
CA GLY A 111 -26.06 -3.73 -18.85
C GLY A 111 -26.60 -4.01 -17.46
N LYS A 112 -26.80 -5.26 -17.10
CA LYS A 112 -27.35 -5.62 -15.81
C LYS A 112 -26.28 -6.21 -14.90
N PRO A 113 -26.43 -6.07 -13.57
CA PRO A 113 -25.39 -6.55 -12.65
C PRO A 113 -25.20 -8.06 -12.72
N MET A 114 -23.97 -8.47 -13.02
CA MET A 114 -23.67 -9.90 -13.07
C MET A 114 -24.02 -10.59 -11.75
N VAL A 115 -23.92 -9.87 -10.63
CA VAL A 115 -24.16 -10.52 -9.34
C VAL A 115 -25.59 -10.99 -9.20
N GLU A 116 -26.52 -10.45 -10.00
CA GLU A 116 -27.93 -10.85 -9.92
C GLU A 116 -28.29 -12.01 -10.82
N GLU A 117 -27.39 -12.45 -11.70
CA GLU A 117 -27.73 -13.48 -12.67
C GLU A 117 -27.98 -14.82 -11.97
N THR A 118 -29.07 -15.52 -12.36
CA THR A 118 -29.42 -16.79 -11.75
C THR A 118 -29.27 -18.00 -12.67
N ASP A 119 -29.06 -17.80 -13.97
CA ASP A 119 -28.84 -18.94 -14.83
C ASP A 119 -27.41 -19.43 -14.69
N PRO A 120 -27.18 -20.69 -14.30
CA PRO A 120 -25.80 -21.15 -14.07
C PRO A 120 -24.91 -21.04 -15.30
N GLN A 121 -25.39 -21.41 -16.48
CA GLN A 121 -24.55 -21.29 -17.68
C GLN A 121 -24.25 -19.84 -18.00
N LYS A 122 -25.22 -18.95 -17.78
CA LYS A 122 -24.96 -17.53 -17.97
C LYS A 122 -23.96 -17.00 -16.94
N ARG A 123 -24.04 -17.48 -15.70
CA ARG A 123 -23.05 -17.08 -14.70
C ARG A 123 -21.63 -17.46 -15.13
N GLU A 124 -21.47 -18.64 -15.76
CA GLU A 124 -20.15 -19.03 -16.21
C GLU A 124 -19.67 -18.14 -17.35
N GLU A 125 -20.60 -17.68 -18.19
CA GLU A 125 -20.24 -16.73 -19.24
C GLU A 125 -19.83 -15.38 -18.65
N ASN A 126 -20.56 -14.90 -17.65
CA ASN A 126 -20.18 -13.63 -17.01
C ASN A 126 -18.83 -13.75 -16.34
N ARG A 127 -18.55 -14.91 -15.72
CA ARG A 127 -17.26 -15.12 -15.10
C ARG A 127 -16.16 -15.02 -16.15
N GLU A 128 -16.36 -15.68 -17.31
CA GLU A 128 -15.37 -15.62 -18.37
C GLU A 128 -15.19 -14.19 -18.88
N LEU A 129 -16.28 -13.45 -19.02
CA LEU A 129 -16.22 -12.08 -19.51
C LEU A 129 -15.52 -11.17 -18.52
N LEU A 130 -15.82 -11.31 -17.23
CA LEU A 130 -15.17 -10.46 -16.24
C LEU A 130 -13.68 -10.77 -16.17
N LEU A 131 -13.30 -12.03 -16.33
CA LEU A 131 -11.88 -12.34 -16.31
C LEU A 131 -11.17 -11.80 -17.55
N GLN A 132 -11.84 -11.76 -18.70
CA GLN A 132 -11.24 -11.16 -19.89
C GLN A 132 -11.07 -9.64 -19.72
N ARG A 133 -12.05 -8.98 -19.11
CA ARG A 133 -11.91 -7.54 -18.87
C ARG A 133 -10.76 -7.24 -17.90
N LEU A 134 -10.64 -8.05 -16.85
CA LEU A 134 -9.53 -7.95 -15.92
C LEU A 134 -8.19 -8.16 -16.63
N GLU A 135 -8.09 -9.20 -17.46
CA GLU A 135 -6.88 -9.45 -18.22
C GLU A 135 -6.52 -8.27 -19.10
N ASN A 136 -7.51 -7.65 -19.73
N ASN A 136 -7.53 -7.69 -19.76
CA ASN A 136 -7.18 -6.53 -20.61
CA ASN A 136 -7.34 -6.51 -20.61
C ASN A 136 -6.74 -5.31 -19.81
C ASN A 136 -6.76 -5.35 -19.81
N HIS A 137 -7.36 -5.06 -18.65
CA HIS A 137 -6.91 -3.95 -17.81
C HIS A 137 -5.45 -4.15 -17.41
N ILE A 138 -5.10 -5.36 -17.01
CA ILE A 138 -3.74 -5.66 -16.58
C ILE A 138 -2.77 -5.61 -17.77
N ARG A 139 -3.18 -6.18 -18.91
CA ARG A 139 -2.31 -6.18 -20.09
C ARG A 139 -1.90 -4.76 -20.46
N ALA A 140 -2.89 -3.87 -20.53
CA ALA A 140 -2.60 -2.51 -20.92
C ALA A 140 -1.62 -1.84 -19.97
N VAL A 141 -1.87 -1.98 -18.66
CA VAL A 141 -1.08 -1.26 -17.67
C VAL A 141 0.31 -1.84 -17.55
N VAL A 142 0.41 -3.17 -17.56
CA VAL A 142 1.73 -3.79 -17.42
C VAL A 142 2.55 -3.61 -18.69
N LEU A 143 1.94 -3.75 -19.87
CA LEU A 143 2.69 -3.47 -21.10
C LEU A 143 3.25 -2.05 -21.12
N ARG A 144 2.52 -1.08 -20.54
CA ARG A 144 2.99 0.29 -20.58
C ARG A 144 4.16 0.51 -19.62
N TYR A 145 4.09 -0.04 -18.41
CA TYR A 145 5.01 0.30 -17.33
C TYR A 145 6.00 -0.81 -16.93
N LYS A 146 5.99 -1.96 -17.60
CA LYS A 146 6.77 -3.09 -17.11
C LYS A 146 8.26 -2.78 -17.05
N ASP A 147 8.77 -1.95 -17.96
CA ASP A 147 10.20 -1.65 -17.93
C ASP A 147 10.58 -0.65 -16.85
N ASP A 148 9.62 -0.03 -16.18
CA ASP A 148 9.91 0.98 -15.18
C ASP A 148 9.46 0.64 -13.77
N ILE A 149 8.45 -0.20 -13.61
CA ILE A 149 7.90 -0.53 -12.29
C ILE A 149 8.22 -1.98 -11.98
N LYS A 150 8.99 -2.20 -10.91
CA LYS A 150 9.40 -3.56 -10.57
C LYS A 150 8.46 -4.23 -9.57
N ASN A 151 7.67 -3.45 -8.83
CA ASN A 151 6.90 -3.95 -7.70
C ASN A 151 5.42 -3.71 -7.95
N TRP A 152 4.63 -4.78 -7.97
CA TRP A 152 3.23 -4.70 -8.38
C TRP A 152 2.32 -5.23 -7.28
N ASP A 153 1.45 -4.37 -6.73
CA ASP A 153 0.34 -4.84 -5.92
C ASP A 153 -0.71 -5.37 -6.89
N VAL A 154 -0.63 -6.68 -7.16
CA VAL A 154 -1.52 -7.27 -8.16
C VAL A 154 -2.95 -7.30 -7.66
N VAL A 155 -3.16 -7.71 -6.40
CA VAL A 155 -4.48 -7.62 -5.78
C VAL A 155 -4.33 -6.97 -4.42
N ASN A 156 -5.43 -6.37 -3.95
CA ASN A 156 -5.39 -5.52 -2.77
C ASN A 156 -6.62 -5.84 -1.94
N GLU A 157 -6.41 -6.20 -0.67
CA GLU A 157 -7.49 -6.31 0.32
C GLU A 157 -8.53 -7.36 -0.07
N VAL A 158 -8.07 -8.51 -0.56
CA VAL A 158 -9.00 -9.55 -0.99
C VAL A 158 -9.42 -10.48 0.13
N VAL A 159 -8.86 -10.33 1.33
CA VAL A 159 -9.24 -11.19 2.47
C VAL A 159 -10.04 -10.36 3.46
N GLU A 160 -11.15 -10.96 3.96
CA GLU A 160 -12.01 -10.35 4.96
C GLU A 160 -12.44 -11.45 5.93
N PRO A 161 -11.92 -11.45 7.15
CA PRO A 161 -12.19 -12.58 8.06
C PRO A 161 -13.64 -12.71 8.47
N ASN A 162 -14.43 -11.64 8.35
CA ASN A 162 -15.87 -11.68 8.67
C ASN A 162 -16.69 -12.38 7.60
N ASP A 163 -16.13 -12.65 6.43
CA ASP A 163 -16.89 -13.26 5.34
C ASP A 163 -16.65 -14.77 5.29
N PRO A 164 -17.58 -15.53 4.69
CA PRO A 164 -17.40 -16.98 4.63
C PRO A 164 -16.06 -17.35 3.98
N GLY A 165 -15.35 -18.27 4.63
CA GLY A 165 -14.08 -18.75 4.13
C GLY A 165 -12.97 -17.71 4.14
N GLY A 166 -13.24 -16.52 4.69
CA GLY A 166 -12.25 -15.47 4.70
C GLY A 166 -12.12 -14.67 3.42
N MET A 167 -12.85 -15.03 2.37
CA MET A 167 -12.75 -14.36 1.07
C MET A 167 -13.66 -13.14 1.05
N ARG A 168 -13.08 -11.95 0.88
CA ARG A 168 -13.89 -10.75 0.80
C ARG A 168 -14.94 -10.92 -0.29
N ASN A 169 -16.21 -10.80 0.08
CA ASN A 169 -17.31 -11.06 -0.83
C ASN A 169 -17.62 -9.85 -1.70
N SER A 170 -16.60 -9.31 -2.37
CA SER A 170 -16.78 -8.27 -3.36
C SER A 170 -17.42 -8.88 -4.60
N PRO A 171 -17.86 -8.04 -5.57
CA PRO A 171 -18.35 -8.62 -6.83
C PRO A 171 -17.32 -9.50 -7.53
N TRP A 172 -16.04 -9.16 -7.41
CA TRP A 172 -14.99 -10.03 -7.93
C TRP A 172 -15.16 -11.45 -7.45
N TYR A 173 -15.32 -11.63 -6.13
CA TYR A 173 -15.50 -12.97 -5.58
C TYR A 173 -16.89 -13.52 -5.87
N GLN A 174 -17.92 -12.66 -5.82
CA GLN A 174 -19.28 -13.16 -6.10
C GLN A 174 -19.37 -13.76 -7.50
N ILE A 175 -18.62 -13.24 -8.46
CA ILE A 175 -18.78 -13.62 -9.86
C ILE A 175 -17.78 -14.69 -10.26
N THR A 176 -16.56 -14.65 -9.72
CA THR A 176 -15.50 -15.55 -10.16
C THR A 176 -14.90 -16.44 -9.08
N GLY A 177 -15.37 -16.38 -7.84
CA GLY A 177 -14.66 -17.10 -6.78
C GLY A 177 -13.29 -16.48 -6.58
N THR A 178 -12.28 -17.33 -6.39
CA THR A 178 -10.90 -16.85 -6.35
C THR A 178 -10.26 -16.75 -7.72
N GLU A 179 -10.98 -17.06 -8.80
CA GLU A 179 -10.33 -17.10 -10.10
C GLU A 179 -9.84 -15.71 -10.53
N TYR A 180 -10.52 -14.64 -10.13
CA TYR A 180 -10.02 -13.31 -10.47
C TYR A 180 -8.64 -13.08 -9.90
N ILE A 181 -8.34 -13.67 -8.73
CA ILE A 181 -7.02 -13.53 -8.15
C ILE A 181 -6.00 -14.33 -8.94
N GLU A 182 -6.34 -15.59 -9.25
CA GLU A 182 -5.48 -16.41 -10.09
C GLU A 182 -5.16 -15.71 -11.40
N VAL A 183 -6.19 -15.22 -12.08
CA VAL A 183 -6.00 -14.60 -13.38
C VAL A 183 -5.19 -13.31 -13.26
N ALA A 184 -5.45 -12.51 -12.23
CA ALA A 184 -4.71 -11.27 -12.04
C ALA A 184 -3.20 -11.54 -12.01
N PHE A 185 -2.77 -12.52 -11.20
CA PHE A 185 -1.35 -12.80 -11.12
C PHE A 185 -0.80 -13.38 -12.42
N ARG A 186 -1.52 -14.32 -13.04
CA ARG A 186 -1.05 -14.91 -14.30
C ARG A 186 -0.92 -13.86 -15.38
N ALA A 187 -1.93 -12.98 -15.50
CA ALA A 187 -1.87 -11.96 -16.55
C ALA A 187 -0.70 -11.02 -16.32
N ALA A 188 -0.48 -10.63 -15.06
CA ALA A 188 0.63 -9.73 -14.75
C ALA A 188 1.96 -10.36 -15.12
N ARG A 189 2.17 -11.64 -14.80
CA ARG A 189 3.39 -12.33 -15.20
C ARG A 189 3.48 -12.46 -16.72
N GLU A 190 2.38 -12.81 -17.38
CA GLU A 190 2.40 -12.99 -18.82
C GLU A 190 2.83 -11.72 -19.53
N ALA A 191 2.28 -10.57 -19.12
CA ALA A 191 2.60 -9.32 -19.80
C ALA A 191 3.94 -8.74 -19.34
N GLY A 192 4.34 -8.98 -18.10
CA GLY A 192 5.48 -8.29 -17.56
C GLY A 192 6.78 -9.08 -17.46
N GLY A 193 6.69 -10.41 -17.59
CA GLY A 193 7.89 -11.23 -17.52
C GLY A 193 8.29 -11.57 -16.10
N GLU A 194 9.40 -12.31 -16.00
CA GLU A 194 9.87 -12.82 -14.70
C GLU A 194 10.50 -11.73 -13.84
N ASP A 195 10.87 -10.61 -14.44
CA ASP A 195 11.62 -9.62 -13.69
C ASP A 195 10.76 -8.74 -12.80
N ILE A 196 9.44 -8.67 -13.01
CA ILE A 196 8.61 -7.88 -12.10
C ILE A 196 8.18 -8.74 -10.93
N LYS A 197 8.03 -8.11 -9.77
CA LYS A 197 7.71 -8.80 -8.53
C LYS A 197 6.24 -8.55 -8.17
N LEU A 198 5.49 -9.62 -7.95
CA LEU A 198 4.05 -9.58 -7.82
C LEU A 198 3.64 -9.79 -6.36
N TYR A 199 2.88 -8.85 -5.80
CA TYR A 199 2.49 -8.88 -4.40
C TYR A 199 0.97 -8.96 -4.22
N MET A 200 0.56 -9.66 -3.16
CA MET A 200 -0.77 -9.53 -2.58
C MET A 200 -0.67 -8.59 -1.39
N ASN A 201 -1.43 -7.50 -1.43
CA ASN A 201 -1.33 -6.43 -0.46
C ASN A 201 -2.57 -6.45 0.43
N ASP A 202 -2.37 -6.27 1.73
CA ASP A 202 -3.53 -6.20 2.63
C ASP A 202 -3.12 -5.49 3.92
N TYR A 203 -4.12 -5.17 4.74
CA TYR A 203 -3.92 -4.56 6.05
C TYR A 203 -4.30 -5.55 7.17
N ASN A 204 -3.90 -5.21 8.40
CA ASN A 204 -4.10 -6.08 9.56
C ASN A 204 -3.55 -7.48 9.32
N THR A 205 -2.45 -7.57 8.57
CA THR A 205 -1.95 -8.88 8.17
C THR A 205 -1.46 -9.72 9.36
N GLU A 206 -1.26 -9.10 10.52
CA GLU A 206 -0.83 -9.86 11.70
C GLU A 206 -2.00 -10.35 12.53
N GLN A 207 -3.22 -9.87 12.29
CA GLN A 207 -4.36 -10.28 13.09
C GLN A 207 -4.77 -11.71 12.74
N GLU A 208 -5.25 -12.43 13.74
CA GLU A 208 -5.89 -13.72 13.47
C GLU A 208 -7.40 -13.59 13.60
N PRO A 209 -8.18 -14.26 12.75
CA PRO A 209 -7.67 -15.23 11.79
C PRO A 209 -7.33 -14.67 10.40
N LYS A 210 -7.22 -13.35 10.23
CA LYS A 210 -6.91 -12.85 8.89
C LYS A 210 -5.59 -13.40 8.40
N ARG A 211 -4.57 -13.45 9.26
CA ARG A 211 -3.27 -13.97 8.85
C ARG A 211 -3.40 -15.40 8.32
N GLU A 212 -4.14 -16.26 9.03
CA GLU A 212 -4.35 -17.61 8.54
C GLU A 212 -5.02 -17.61 7.17
N TYR A 213 -6.02 -16.75 7.01
CA TYR A 213 -6.76 -16.74 5.76
C TYR A 213 -5.87 -16.32 4.60
N ILE A 214 -5.02 -15.31 4.82
CA ILE A 214 -4.09 -14.92 3.76
C ILE A 214 -3.12 -16.05 3.46
N TYR A 215 -2.56 -16.65 4.52
CA TYR A 215 -1.66 -17.78 4.37
C TYR A 215 -2.35 -18.91 3.63
N ARG A 216 -3.59 -19.23 4.02
CA ARG A 216 -4.33 -20.30 3.34
C ARG A 216 -4.56 -19.97 1.88
N LEU A 217 -4.94 -18.72 1.59
CA LEU A 217 -5.26 -18.33 0.22
C LEU A 217 -4.02 -18.44 -0.66
N ILE A 218 -2.90 -17.94 -0.17
CA ILE A 218 -1.67 -17.98 -0.95
C ILE A 218 -1.28 -19.42 -1.25
N LYS A 219 -1.40 -20.31 -0.27
CA LYS A 219 -1.07 -21.70 -0.52
C LYS A 219 -2.00 -22.28 -1.58
N LYS A 220 -3.29 -21.94 -1.52
CA LYS A 220 -4.24 -22.38 -2.54
C LYS A 220 -3.88 -21.84 -3.92
N LEU A 221 -3.50 -20.56 -3.98
CA LEU A 221 -3.07 -20.00 -5.26
C LEU A 221 -1.78 -20.64 -5.75
N LEU A 222 -0.83 -20.86 -4.84
CA LEU A 222 0.39 -21.57 -5.22
C LEU A 222 0.08 -22.95 -5.77
N GLU A 223 -0.85 -23.66 -5.14
CA GLU A 223 -1.25 -24.98 -5.62
C GLU A 223 -1.92 -24.94 -6.98
N LYS A 224 -2.51 -23.82 -7.36
CA LYS A 224 -3.09 -23.69 -8.69
C LYS A 224 -2.09 -23.21 -9.74
N GLY A 225 -0.83 -23.03 -9.36
CA GLY A 225 0.20 -22.61 -10.30
C GLY A 225 0.36 -21.11 -10.41
N VAL A 226 -0.11 -20.34 -9.44
CA VAL A 226 -0.12 -18.88 -9.53
C VAL A 226 1.25 -18.33 -9.11
N PRO A 227 1.86 -17.43 -9.90
CA PRO A 227 3.26 -17.00 -9.66
C PRO A 227 3.41 -15.81 -8.71
N ILE A 228 2.97 -15.96 -7.47
CA ILE A 228 3.06 -14.87 -6.50
C ILE A 228 4.46 -14.80 -5.89
N ASP A 229 4.98 -13.58 -5.75
CA ASP A 229 6.33 -13.37 -5.24
C ASP A 229 6.38 -12.83 -3.82
N GLY A 230 5.30 -12.21 -3.33
CA GLY A 230 5.43 -11.54 -2.05
C GLY A 230 4.10 -11.08 -1.48
N VAL A 231 4.17 -10.66 -0.22
CA VAL A 231 3.05 -10.08 0.52
C VAL A 231 3.37 -8.63 0.85
N GLY A 232 2.43 -7.74 0.61
CA GLY A 232 2.53 -6.36 1.04
C GLY A 232 1.72 -6.19 2.29
N HIS A 233 2.33 -5.56 3.30
CA HIS A 233 1.71 -5.30 4.58
C HIS A 233 1.49 -3.79 4.65
N GLN A 234 0.23 -3.37 4.65
CA GLN A 234 -0.05 -1.94 4.63
C GLN A 234 0.50 -1.24 5.88
N ALA A 235 0.43 -1.89 7.03
CA ALA A 235 0.94 -1.35 8.30
C ALA A 235 0.38 0.03 8.59
N HIS A 236 -0.94 0.14 8.54
CA HIS A 236 -1.60 1.31 9.12
C HIS A 236 -1.76 1.01 10.60
N VAL A 237 -0.78 1.46 11.40
CA VAL A 237 -0.69 1.06 12.80
C VAL A 237 -0.85 2.27 13.73
N THR A 238 -1.00 1.99 15.03
CA THR A 238 -1.05 3.00 16.07
C THR A 238 0.19 2.86 16.95
N ILE A 239 0.26 3.69 18.00
CA ILE A 239 1.40 3.63 18.90
C ILE A 239 1.43 2.32 19.67
N ASP A 240 0.26 1.74 19.96
CA ASP A 240 0.20 0.52 20.76
C ASP A 240 -0.20 -0.72 19.97
N ARG A 241 -0.89 -0.58 18.84
CA ARG A 241 -1.34 -1.75 18.12
C ARG A 241 -0.78 -1.75 16.71
N PRO A 242 -0.35 -2.91 16.19
CA PRO A 242 -0.21 -4.20 16.89
C PRO A 242 1.12 -4.34 17.64
N PRO A 243 1.22 -5.34 18.52
CA PRO A 243 2.48 -5.57 19.21
C PRO A 243 3.56 -6.03 18.22
N VAL A 244 4.80 -5.70 18.55
CA VAL A 244 5.90 -5.93 17.63
C VAL A 244 6.13 -7.42 17.41
N ASP A 245 5.94 -8.23 18.44
CA ASP A 245 6.16 -9.66 18.28
C ASP A 245 5.19 -10.28 17.29
N GLU A 246 3.96 -9.75 17.22
CA GLU A 246 3.01 -10.27 16.23
C GLU A 246 3.40 -9.85 14.81
N ILE A 247 3.93 -8.63 14.65
CA ILE A 247 4.48 -8.22 13.35
C ILE A 247 5.61 -9.14 12.94
N LYS A 248 6.53 -9.43 13.87
CA LYS A 248 7.66 -10.31 13.57
C LYS A 248 7.18 -11.69 13.13
N LYS A 249 6.20 -12.26 13.82
CA LYS A 249 5.74 -13.60 13.47
C LYS A 249 5.05 -13.61 12.11
N THR A 250 4.37 -12.52 11.75
CA THR A 250 3.72 -12.42 10.45
C THR A 250 4.74 -12.42 9.31
N ILE A 251 5.76 -11.57 9.39
CA ILE A 251 6.81 -11.53 8.36
C ILE A 251 7.48 -12.89 8.22
N GLN A 252 7.85 -13.49 9.36
CA GLN A 252 8.49 -14.81 9.31
C GLN A 252 7.57 -15.84 8.72
N ARG A 253 6.30 -15.76 9.04
CA ARG A 253 5.36 -16.73 8.56
C ARG A 253 5.26 -16.75 7.04
N PHE A 254 5.07 -15.59 6.44
CA PHE A 254 4.97 -15.54 4.98
C PHE A 254 6.32 -15.80 4.34
N ALA A 255 7.42 -15.41 4.99
CA ALA A 255 8.73 -15.80 4.51
C ALA A 255 8.87 -17.31 4.41
N ASP A 256 8.14 -18.05 5.26
CA ASP A 256 8.24 -19.51 5.25
C ASP A 256 7.62 -20.11 4.01
N LEU A 257 6.76 -19.37 3.32
CA LEU A 257 6.28 -19.78 2.01
C LEU A 257 7.19 -19.30 0.88
N GLY A 258 8.39 -18.80 1.21
CA GLY A 258 9.28 -18.29 0.19
C GLY A 258 8.96 -16.91 -0.29
N LEU A 259 8.04 -16.20 0.37
CA LEU A 259 7.54 -14.91 -0.12
C LEU A 259 8.41 -13.77 0.37
N ASP A 260 8.66 -12.82 -0.52
CA ASP A 260 9.19 -11.53 -0.08
C ASP A 260 8.10 -10.78 0.67
N ASN A 261 8.52 -9.79 1.44
CA ASN A 261 7.59 -8.94 2.18
C ASN A 261 7.97 -7.48 1.94
N GLN A 262 6.98 -6.64 1.69
CA GLN A 262 7.17 -5.20 1.67
C GLN A 262 6.17 -4.57 2.63
N ILE A 263 6.61 -3.53 3.31
CA ILE A 263 5.73 -2.67 4.10
C ILE A 263 5.30 -1.56 3.17
N THR A 264 4.00 -1.49 2.89
CA THR A 264 3.58 -0.75 1.71
C THR A 264 2.92 0.59 1.99
N GLU A 265 2.28 0.77 3.15
CA GLU A 265 1.48 1.98 3.40
C GLU A 265 1.68 2.46 4.83
N LEU A 266 2.92 2.47 5.31
CA LEU A 266 3.19 2.70 6.73
C LEU A 266 2.75 4.07 7.20
N ASP A 267 1.98 4.10 8.28
CA ASP A 267 1.82 5.32 9.07
C ASP A 267 1.58 4.92 10.52
N VAL A 268 1.97 5.80 11.43
CA VAL A 268 1.81 5.55 12.87
C VAL A 268 0.91 6.65 13.40
N SER A 269 -0.39 6.35 13.49
CA SER A 269 -1.33 7.33 13.99
C SER A 269 -1.03 7.66 15.44
N LEU A 270 -1.35 8.89 15.82
CA LEU A 270 -1.24 9.31 17.22
C LEU A 270 -2.40 8.82 18.08
N TYR A 271 -3.45 8.26 17.49
CA TYR A 271 -4.66 7.87 18.21
C TYR A 271 -4.89 6.38 18.10
N GLY A 272 -5.96 5.91 18.73
CA GLY A 272 -6.38 4.53 18.60
C GLY A 272 -7.22 4.35 17.35
N TRP A 273 -7.78 3.15 17.22
CA TRP A 273 -8.66 2.84 16.10
C TRP A 273 -10.09 2.68 16.62
N PRO A 274 -11.03 3.57 16.26
CA PRO A 274 -10.96 4.81 15.48
C PRO A 274 -10.30 5.96 16.25
N PRO A 275 -10.04 7.11 15.58
CA PRO A 275 -9.49 8.27 16.29
C PRO A 275 -10.29 8.65 17.52
N ARG A 276 -10.10 7.92 18.62
CA ARG A 276 -10.93 8.12 19.81
C ARG A 276 -11.03 9.59 20.22
N PRO A 277 -9.93 10.35 20.35
CA PRO A 277 -10.08 11.80 20.32
C PRO A 277 -8.94 12.51 19.59
N ALA A 278 -9.18 12.98 18.38
CA ALA A 278 -8.13 13.74 17.70
C ALA A 278 -7.92 15.08 18.40
N TYR A 279 -6.68 15.55 18.38
CA TYR A 279 -6.43 16.95 18.72
C TYR A 279 -6.92 17.82 17.58
N PRO A 280 -7.48 19.00 17.87
CA PRO A 280 -8.12 19.77 16.80
C PRO A 280 -7.14 20.32 15.78
N THR A 281 -5.97 20.75 16.23
CA THR A 281 -4.99 21.42 15.39
C THR A 281 -3.63 20.79 15.67
N TYR A 282 -2.70 21.00 14.75
CA TYR A 282 -1.38 20.41 14.92
C TYR A 282 -0.67 20.98 16.15
N ASP A 283 -0.82 22.29 16.39
CA ASP A 283 -0.16 22.91 17.53
C ASP A 283 -0.70 22.43 18.86
N ALA A 284 -1.87 21.79 18.88
CA ALA A 284 -2.43 21.29 20.12
C ALA A 284 -1.84 19.94 20.54
N ILE A 285 -1.10 19.27 19.67
CA ILE A 285 -0.53 17.97 20.05
C ILE A 285 0.61 18.20 21.01
N PRO A 286 0.59 17.62 22.20
CA PRO A 286 1.70 17.79 23.15
C PRO A 286 2.94 17.03 22.69
N GLU A 287 4.09 17.46 23.24
CA GLU A 287 5.36 16.83 22.87
C GLU A 287 5.38 15.36 23.29
N GLU A 288 4.76 15.04 24.43
CA GLU A 288 4.77 13.67 24.92
C GLU A 288 4.25 12.69 23.86
N ARG A 289 3.29 13.13 23.05
CA ARG A 289 2.74 12.25 22.02
C ARG A 289 3.76 11.95 20.94
N PHE A 290 4.46 12.98 20.46
CA PHE A 290 5.52 12.78 19.48
C PHE A 290 6.63 11.90 20.04
N GLN A 291 6.92 12.03 21.34
CA GLN A 291 7.94 11.20 21.96
C GLN A 291 7.47 9.75 22.06
N ALA A 292 6.17 9.55 22.32
CA ALA A 292 5.63 8.19 22.28
C ALA A 292 5.69 7.64 20.87
N GLN A 293 5.35 8.47 19.87
CA GLN A 293 5.41 8.02 18.49
C GLN A 293 6.83 7.72 18.06
N ALA A 294 7.81 8.47 18.59
CA ALA A 294 9.20 8.19 18.28
C ALA A 294 9.62 6.81 18.78
N ASP A 295 9.25 6.49 20.04
CA ASP A 295 9.60 5.17 20.57
C ASP A 295 8.96 4.05 19.75
N ARG A 296 7.74 4.28 19.27
CA ARG A 296 7.08 3.27 18.46
C ARG A 296 7.78 3.08 17.12
N TYR A 297 8.09 4.20 16.45
CA TYR A 297 8.83 4.11 15.19
C TYR A 297 10.19 3.46 15.38
N ARG A 298 10.87 3.77 16.50
CA ARG A 298 12.13 3.09 16.78
C ARG A 298 11.94 1.59 16.87
N GLN A 299 10.90 1.14 17.58
CA GLN A 299 10.67 -0.29 17.75
C GLN A 299 10.36 -0.94 16.41
N LEU A 300 9.56 -0.27 15.58
CA LEU A 300 9.24 -0.83 14.27
C LEU A 300 10.49 -0.96 13.40
N PHE A 301 11.28 0.11 13.30
CA PHE A 301 12.37 0.05 12.34
C PHE A 301 13.50 -0.84 12.82
N GLU A 302 13.74 -0.93 14.14
CA GLU A 302 14.71 -1.90 14.60
C GLU A 302 14.22 -3.33 14.34
N LEU A 303 12.91 -3.57 14.41
CA LEU A 303 12.39 -4.87 13.99
C LEU A 303 12.64 -5.10 12.50
N PHE A 304 12.36 -4.09 11.66
CA PHE A 304 12.58 -4.24 10.23
C PHE A 304 14.04 -4.57 9.93
N GLU A 305 14.97 -3.93 10.64
CA GLU A 305 16.39 -4.24 10.44
C GLU A 305 16.68 -5.71 10.75
N GLU A 306 16.14 -6.21 11.86
CA GLU A 306 16.35 -7.61 12.22
C GLU A 306 15.81 -8.55 11.16
N LEU A 307 14.71 -8.15 10.51
CA LEU A 307 14.07 -8.96 9.49
C LEU A 307 14.45 -8.51 8.08
N LYS A 308 15.60 -7.81 7.94
CA LYS A 308 15.95 -7.15 6.69
C LYS A 308 16.05 -8.13 5.53
N ASP A 309 16.38 -9.39 5.79
CA ASP A 309 16.53 -10.30 4.68
C ASP A 309 15.19 -10.85 4.18
N HIS A 310 14.10 -10.50 4.88
CA HIS A 310 12.75 -10.83 4.44
C HIS A 310 11.95 -9.61 4.04
N ILE A 311 12.53 -8.41 4.09
CA ILE A 311 11.84 -7.18 3.74
C ILE A 311 12.67 -6.42 2.70
N SER A 312 12.10 -6.22 1.51
CA SER A 312 12.80 -5.53 0.43
C SER A 312 12.52 -4.03 0.40
N ALA A 313 11.42 -3.58 1.01
CA ALA A 313 11.07 -2.17 0.90
C ALA A 313 10.12 -1.80 2.02
N VAL A 314 10.28 -0.60 2.54
CA VAL A 314 9.37 0.00 3.50
C VAL A 314 8.90 1.33 2.93
N THR A 315 7.60 1.46 2.70
CA THR A 315 7.04 2.63 2.04
C THR A 315 6.02 3.26 2.98
N PHE A 316 6.14 4.59 3.15
CA PHE A 316 5.21 5.37 3.96
C PHE A 316 4.05 5.85 3.11
N TRP A 317 2.86 5.91 3.70
CA TRP A 317 1.70 6.35 2.93
C TRP A 317 1.61 7.88 2.89
N GLY A 318 2.71 8.51 2.50
CA GLY A 318 2.75 9.95 2.33
C GLY A 318 4.15 10.44 2.60
N ILE A 319 4.31 11.76 2.49
CA ILE A 319 5.62 12.40 2.60
C ILE A 319 5.77 13.06 3.96
N ALA A 320 4.93 14.05 4.25
CA ALA A 320 5.03 14.84 5.47
C ALA A 320 3.64 15.02 6.05
N ASP A 321 3.58 15.50 7.30
CA ASP A 321 2.33 15.54 8.07
C ASP A 321 1.31 16.53 7.50
N ASN A 322 1.69 17.35 6.52
CA ASN A 322 0.74 18.25 5.90
C ASN A 322 -0.21 17.54 4.92
N HIS A 323 0.04 16.28 4.60
CA HIS A 323 -0.82 15.53 3.68
C HIS A 323 -0.88 14.08 4.16
N THR A 324 -2.03 13.66 4.68
CA THR A 324 -2.21 12.27 5.05
C THR A 324 -3.70 11.92 5.07
N TRP A 325 -4.01 10.73 4.57
CA TRP A 325 -5.40 10.26 4.57
C TRP A 325 -5.97 10.14 5.99
N LEU A 326 -5.12 10.03 7.00
CA LEU A 326 -5.61 9.94 8.37
C LEU A 326 -6.29 11.22 8.85
N ASP A 327 -6.12 12.34 8.14
CA ASP A 327 -6.80 13.56 8.57
C ASP A 327 -8.28 13.53 8.20
N ASP A 328 -8.63 12.87 7.10
CA ASP A 328 -10.05 12.64 6.81
C ASP A 328 -10.71 11.88 7.96
N ARG A 329 -10.05 10.82 8.44
CA ARG A 329 -10.64 10.03 9.52
C ARG A 329 -10.62 10.78 10.85
N ALA A 330 -9.62 11.65 11.07
CA ALA A 330 -9.59 12.43 12.31
C ALA A 330 -10.74 13.41 12.38
N ARG A 331 -11.01 14.12 11.28
CA ARG A 331 -12.16 15.01 11.23
C ARG A 331 -13.46 14.24 11.39
N GLU A 332 -13.63 13.18 10.57
CA GLU A 332 -14.82 12.35 10.56
C GLU A 332 -15.32 12.04 11.97
N TYR A 333 -14.46 11.43 12.78
CA TYR A 333 -14.84 10.97 14.11
C TYR A 333 -14.66 12.04 15.18
N ASN A 334 -14.42 13.30 14.80
CA ASN A 334 -14.35 14.41 15.74
C ASN A 334 -15.12 15.61 15.22
N ASP A 335 -16.23 15.35 14.53
CA ASP A 335 -17.21 16.37 14.12
C ASP A 335 -16.58 17.49 13.31
N GLY A 336 -15.72 17.12 12.36
CA GLY A 336 -15.23 18.04 11.36
C GLY A 336 -13.84 18.62 11.62
N VAL A 337 -13.36 18.58 12.85
CA VAL A 337 -12.07 19.17 13.20
C VAL A 337 -11.18 18.10 13.80
N GLY A 338 -9.93 18.04 13.33
CA GLY A 338 -8.99 17.04 13.82
C GLY A 338 -7.75 16.93 12.96
N LYS A 339 -6.62 16.58 13.58
CA LYS A 339 -5.35 16.47 12.87
C LYS A 339 -4.54 15.31 13.44
N ASP A 340 -4.05 14.46 12.54
CA ASP A 340 -3.13 13.39 12.88
C ASP A 340 -1.72 13.81 12.45
N ALA A 341 -0.73 13.03 12.88
CA ALA A 341 0.67 13.35 12.62
C ALA A 341 1.46 12.05 12.48
N PRO A 342 1.27 11.34 11.37
CA PRO A 342 1.70 9.93 11.32
C PRO A 342 3.11 9.67 10.82
N PHE A 343 3.84 10.69 10.34
CA PHE A 343 5.11 10.50 9.66
C PHE A 343 6.28 10.87 10.58
N VAL A 344 7.49 10.85 10.01
CA VAL A 344 8.67 11.34 10.72
C VAL A 344 9.02 12.77 10.33
N PHE A 345 8.27 13.36 9.41
CA PHE A 345 8.45 14.73 8.96
C PHE A 345 7.17 15.51 9.21
N ASP A 346 7.30 16.73 9.74
CA ASP A 346 6.14 17.46 10.25
C ASP A 346 5.51 18.32 9.15
N PRO A 347 4.37 19.01 9.40
CA PRO A 347 3.71 19.70 8.28
C PRO A 347 4.49 20.86 7.72
N ASN A 348 5.48 21.39 8.44
CA ASN A 348 6.33 22.44 7.91
C ASN A 348 7.65 21.91 7.36
N TYR A 349 7.72 20.61 7.07
CA TYR A 349 8.91 19.96 6.52
C TYR A 349 10.10 20.08 7.46
N ARG A 350 9.85 19.89 8.75
CA ARG A 350 10.87 19.74 9.76
C ARG A 350 10.87 18.31 10.28
N VAL A 351 12.03 17.84 10.73
CA VAL A 351 12.11 16.48 11.26
C VAL A 351 11.46 16.44 12.64
N LYS A 352 10.88 15.29 12.95
CA LYS A 352 10.22 15.02 14.22
C LYS A 352 11.08 14.12 15.09
N PRO A 353 10.80 14.00 16.39
CA PRO A 353 11.54 13.03 17.22
C PRO A 353 11.60 11.65 16.58
N ALA A 354 10.54 11.25 15.88
CA ALA A 354 10.53 9.94 15.24
C ALA A 354 11.62 9.84 14.18
N TYR A 355 11.93 10.95 13.48
CA TYR A 355 13.01 10.92 12.50
C TYR A 355 14.33 10.55 13.17
N TRP A 356 14.69 11.25 14.24
CA TRP A 356 15.93 10.93 14.93
C TRP A 356 15.92 9.50 15.46
N ALA A 357 14.74 8.98 15.80
CA ALA A 357 14.70 7.64 16.38
C ALA A 357 15.01 6.55 15.37
N ILE A 358 14.68 6.75 14.08
CA ILE A 358 14.95 5.71 13.09
C ILE A 358 16.21 5.99 12.27
N ILE A 359 16.78 7.20 12.36
CA ILE A 359 17.99 7.51 11.61
C ILE A 359 19.27 7.14 12.34
N ASN A 360 19.22 6.87 13.66
CA ASN A 360 20.42 6.75 14.47
C ASN A 360 21.11 5.40 14.24
N HIS A 361 22.12 5.09 15.07
CA HIS A 361 23.07 4.02 14.77
C HIS A 361 22.52 2.61 14.97
N LYS A 362 21.39 2.45 15.65
CA LYS A 362 20.96 1.10 16.01
C LYS A 362 20.10 0.46 14.92
#